data_8H20
#
_entry.id   8H20
#
_cell.length_a   61.573
_cell.length_b   61.573
_cell.length_c   207.774
_cell.angle_alpha   90.000
_cell.angle_beta   90.000
_cell.angle_gamma   90.000
#
_symmetry.space_group_name_H-M   'P 41 21 2'
#
loop_
_entity.id
_entity.type
_entity.pdbx_description
1 polymer 'Serine palmitoyltransferase'
2 non-polymer N-GLYCINE-[3-HYDROXY-2-METHYL-5-PHOSPHONOOXYMETHYL-PYRIDIN-4-YL-METHANE]
3 non-polymer 1,2-ETHANEDIOL
4 water water
#
_entity_poly.entity_id   1
_entity_poly.type   'polypeptide(L)'
_entity_poly.pdbx_seq_one_letter_code
;MSKGKLGEKISQFKIVEELKAKGLYAYFRPIQSKQDTEVKIDGRRVLMFGSNSYLGLTTDTRIIKAAQDALEKYGTGCAG
SRFLNGTLDIHVELEEKLSAYVGKEAAILFSTGFQSNLGPLSCLMGRNDYILLDERDHASIIDGSRLSFSKVIKYGHNNM
EDLRAKLSRLPEDSAKLICTDGIFSMEGDIVNLPELTSIANEFDAAVMVDDAHSLGVIGHKGAGTASHFGLNDDVDLIMG
TFSKSLASLGGFVAGDADVIDFLKHNARSVMFSASMTPASVASTLKALEIIQNEPEHIEKLWKNTDYAKAQLLDHGFDLG
ATESPILPIFIRSNEKTFWVTKMLQDDGVFVNPVVSPAVPAEESLIRFSLMATHTYDQIDEAIEKMVKVFKQAEVETLI
;
_entity_poly.pdbx_strand_id   A
#
# COMPACT_ATOMS: atom_id res chain seq x y z
N SER A 2 30.89 -18.71 -6.89
CA SER A 2 31.22 -19.88 -6.00
C SER A 2 30.23 -19.92 -4.84
N LYS A 3 29.90 -21.11 -4.31
CA LYS A 3 28.70 -21.24 -3.44
C LYS A 3 29.01 -21.63 -1.99
N GLY A 4 30.26 -21.80 -1.54
CA GLY A 4 30.43 -22.34 -0.17
C GLY A 4 29.79 -21.46 0.90
N LYS A 5 30.24 -20.22 1.02
CA LYS A 5 29.74 -19.25 2.03
C LYS A 5 28.28 -18.88 1.73
N LEU A 6 27.91 -18.82 0.47
CA LEU A 6 26.53 -18.44 0.09
C LEU A 6 25.58 -19.52 0.63
N GLY A 7 25.96 -20.78 0.46
CA GLY A 7 25.20 -21.95 0.96
C GLY A 7 25.05 -21.82 2.46
N GLU A 8 26.10 -21.39 3.17
CA GLU A 8 26.02 -21.22 4.63
C GLU A 8 25.06 -20.07 4.97
N LYS A 9 25.06 -18.99 4.19
CA LYS A 9 24.24 -17.81 4.49
C LYS A 9 22.76 -18.19 4.51
N ILE A 10 22.33 -19.12 3.64
CA ILE A 10 20.90 -19.48 3.41
C ILE A 10 20.54 -20.76 4.19
N SER A 11 21.51 -21.40 4.84
CA SER A 11 21.41 -22.75 5.47
C SER A 11 20.36 -22.78 6.57
N GLN A 12 20.23 -21.71 7.33
CA GLN A 12 19.38 -21.63 8.55
C GLN A 12 17.93 -21.26 8.22
N PHE A 13 17.60 -21.00 6.95
CA PHE A 13 16.25 -20.56 6.54
C PHE A 13 15.47 -21.83 6.23
N LYS A 14 14.74 -22.37 7.21
N LYS A 14 14.73 -22.29 7.25
CA LYS A 14 14.02 -23.66 6.99
CA LYS A 14 14.08 -23.61 7.30
C LYS A 14 12.50 -23.52 7.15
C LYS A 14 12.55 -23.53 7.32
N ILE A 15 11.97 -22.36 7.52
CA ILE A 15 10.50 -22.23 7.74
C ILE A 15 9.74 -22.66 6.49
N VAL A 16 10.22 -22.34 5.30
CA VAL A 16 9.46 -22.73 4.08
C VAL A 16 9.50 -24.24 3.90
N GLU A 17 10.66 -24.87 4.08
CA GLU A 17 10.74 -26.34 3.95
C GLU A 17 9.80 -26.97 4.99
N GLU A 18 9.75 -26.41 6.18
CA GLU A 18 8.88 -26.95 7.26
C GLU A 18 7.39 -26.78 6.89
N LEU A 19 6.98 -25.60 6.44
CA LEU A 19 5.57 -25.35 6.02
C LEU A 19 5.20 -26.31 4.90
N LYS A 20 6.06 -26.49 3.89
CA LYS A 20 5.73 -27.38 2.77
C LYS A 20 5.60 -28.81 3.28
N ALA A 21 6.52 -29.25 4.13
CA ALA A 21 6.56 -30.67 4.57
C ALA A 21 5.31 -30.98 5.42
N LYS A 22 4.82 -30.00 6.18
CA LYS A 22 3.60 -30.18 7.00
C LYS A 22 2.35 -29.97 6.16
N GLY A 23 2.45 -29.55 4.89
CA GLY A 23 1.25 -29.28 4.09
C GLY A 23 0.56 -27.98 4.47
N LEU A 24 1.29 -27.01 5.02
CA LEU A 24 0.70 -25.71 5.50
C LEU A 24 1.06 -24.58 4.52
N TYR A 25 1.89 -24.79 3.53
CA TYR A 25 2.41 -23.66 2.71
C TYR A 25 1.27 -23.04 1.90
N ALA A 26 1.14 -21.72 2.00
CA ALA A 26 0.12 -20.95 1.25
C ALA A 26 0.69 -19.59 0.82
N TYR A 27 1.95 -19.54 0.44
CA TYR A 27 2.51 -18.32 -0.20
C TYR A 27 2.57 -18.64 -1.68
N PHE A 28 2.63 -17.57 -2.50
CA PHE A 28 2.73 -17.67 -3.97
C PHE A 28 1.66 -18.61 -4.54
N ARG A 29 0.43 -18.55 -3.98
CA ARG A 29 -0.64 -19.43 -4.47
C ARG A 29 -0.94 -19.10 -5.93
N PRO A 30 -0.86 -20.05 -6.84
CA PRO A 30 -0.99 -19.74 -8.26
C PRO A 30 -2.43 -19.55 -8.76
N ILE A 31 -2.82 -18.31 -9.00
CA ILE A 31 -4.20 -17.98 -9.44
C ILE A 31 -4.30 -18.14 -10.96
N GLN A 32 -5.45 -18.61 -11.45
CA GLN A 32 -5.62 -19.01 -12.87
C GLN A 32 -6.57 -18.11 -13.62
N SER A 33 -7.03 -17.06 -12.96
CA SER A 33 -8.14 -16.23 -13.43
C SER A 33 -7.87 -14.77 -13.07
N LYS A 34 -8.70 -13.87 -13.55
CA LYS A 34 -8.65 -12.46 -13.12
C LYS A 34 -8.81 -12.35 -11.59
N GLN A 35 -8.14 -11.38 -10.99
CA GLN A 35 -8.33 -10.96 -9.59
C GLN A 35 -9.77 -10.46 -9.46
N ASP A 36 -10.55 -11.08 -8.61
CA ASP A 36 -12.01 -10.83 -8.55
C ASP A 36 -12.45 -11.37 -7.20
N THR A 37 -13.73 -11.27 -6.90
CA THR A 37 -14.26 -11.69 -5.58
C THR A 37 -14.12 -13.21 -5.45
N GLU A 38 -14.08 -13.95 -6.56
CA GLU A 38 -13.76 -15.38 -6.62
C GLU A 38 -12.64 -15.53 -7.63
N VAL A 39 -11.64 -16.33 -7.29
CA VAL A 39 -10.52 -16.64 -8.21
C VAL A 39 -10.46 -18.15 -8.37
N LYS A 40 -9.84 -18.63 -9.42
CA LYS A 40 -9.61 -20.06 -9.71
C LYS A 40 -8.20 -20.42 -9.27
N ILE A 41 -8.07 -21.37 -8.37
CA ILE A 41 -6.78 -21.94 -7.92
C ILE A 41 -6.90 -23.46 -8.06
N ASP A 42 -6.05 -24.08 -8.86
CA ASP A 42 -6.09 -25.56 -9.05
C ASP A 42 -7.46 -25.99 -9.59
N GLY A 43 -8.05 -25.18 -10.45
CA GLY A 43 -9.30 -25.52 -11.16
C GLY A 43 -10.52 -25.24 -10.30
N ARG A 44 -10.35 -24.84 -9.04
CA ARG A 44 -11.55 -24.68 -8.16
C ARG A 44 -11.74 -23.23 -7.75
N ARG A 45 -12.95 -22.89 -7.33
CA ARG A 45 -13.33 -21.50 -7.06
C ARG A 45 -13.00 -21.20 -5.59
N VAL A 46 -12.42 -20.03 -5.36
CA VAL A 46 -11.94 -19.60 -4.04
C VAL A 46 -12.38 -18.17 -3.80
N LEU A 47 -13.02 -17.88 -2.66
CA LEU A 47 -13.41 -16.49 -2.34
C LEU A 47 -12.18 -15.69 -1.99
N MET A 48 -12.05 -14.51 -2.60
CA MET A 48 -10.83 -13.66 -2.42
C MET A 48 -11.10 -12.61 -1.36
N PHE A 49 -10.52 -12.74 -0.17
CA PHE A 49 -10.56 -11.73 0.90
C PHE A 49 -9.14 -11.32 1.28
N GLY A 50 -8.23 -11.44 0.31
CA GLY A 50 -6.84 -11.07 0.56
C GLY A 50 -6.30 -10.10 -0.49
N SER A 51 -7.17 -9.39 -1.17
CA SER A 51 -6.76 -8.53 -2.32
C SER A 51 -6.50 -7.11 -1.81
N ASN A 52 -5.83 -6.31 -2.63
CA ASN A 52 -5.77 -4.85 -2.46
C ASN A 52 -6.58 -4.13 -3.53
N SER A 53 -7.34 -4.80 -4.35
CA SER A 53 -8.16 -4.14 -5.39
C SER A 53 -9.44 -3.65 -4.70
N TYR A 54 -9.36 -2.57 -3.92
CA TYR A 54 -10.46 -2.15 -3.03
C TYR A 54 -11.72 -1.87 -3.82
N LEU A 55 -11.63 -1.38 -5.04
CA LEU A 55 -12.84 -1.02 -5.78
C LEU A 55 -13.18 -2.05 -6.83
N GLY A 56 -12.53 -3.22 -6.88
CA GLY A 56 -12.81 -4.30 -7.82
C GLY A 56 -12.57 -3.96 -9.28
N LEU A 57 -11.73 -2.96 -9.54
CA LEU A 57 -11.65 -2.37 -10.91
C LEU A 57 -10.71 -3.13 -11.87
N THR A 58 -10.03 -4.19 -11.47
CA THR A 58 -9.08 -4.86 -12.42
C THR A 58 -9.84 -5.66 -13.46
N THR A 59 -11.15 -5.83 -13.27
CA THR A 59 -12.01 -6.55 -14.23
C THR A 59 -12.98 -5.61 -14.95
N ASP A 60 -12.89 -4.30 -14.74
CA ASP A 60 -13.79 -3.32 -15.42
C ASP A 60 -13.49 -3.40 -16.90
N THR A 61 -14.48 -3.74 -17.72
CA THR A 61 -14.29 -3.86 -19.20
C THR A 61 -13.77 -2.55 -19.81
N ARG A 62 -14.14 -1.39 -19.27
CA ARG A 62 -13.71 -0.08 -19.82
C ARG A 62 -12.21 0.07 -19.57
N ILE A 63 -11.76 -0.40 -18.42
CA ILE A 63 -10.32 -0.28 -18.06
C ILE A 63 -9.50 -1.25 -18.89
N ILE A 64 -9.94 -2.49 -19.07
CA ILE A 64 -9.28 -3.49 -19.93
C ILE A 64 -9.19 -2.90 -21.36
N LYS A 65 -10.30 -2.36 -21.86
CA LYS A 65 -10.37 -1.82 -23.24
C LYS A 65 -9.36 -0.67 -23.37
N ALA A 66 -9.30 0.25 -22.40
CA ALA A 66 -8.34 1.38 -22.46
C ALA A 66 -6.91 0.83 -22.57
N ALA A 67 -6.60 -0.18 -21.77
CA ALA A 67 -5.25 -0.79 -21.78
C ALA A 67 -4.99 -1.43 -23.16
N GLN A 68 -5.96 -2.19 -23.67
CA GLN A 68 -5.80 -2.88 -24.97
C GLN A 68 -5.60 -1.85 -26.10
N ASP A 69 -6.35 -0.75 -26.08
CA ASP A 69 -6.22 0.34 -27.07
C ASP A 69 -4.84 0.97 -26.96
N ALA A 70 -4.30 1.19 -25.74
CA ALA A 70 -2.92 1.73 -25.59
C ALA A 70 -1.86 0.76 -26.13
N LEU A 71 -1.99 -0.54 -25.95
CA LEU A 71 -1.09 -1.54 -26.61
C LEU A 71 -1.12 -1.34 -28.13
N GLU A 72 -2.33 -1.21 -28.68
CA GLU A 72 -2.49 -1.08 -30.14
C GLU A 72 -1.74 0.17 -30.59
N LYS A 73 -1.87 1.28 -29.87
CA LYS A 73 -1.28 2.56 -30.36
C LYS A 73 0.22 2.65 -30.03
N TYR A 74 0.62 2.25 -28.83
CA TYR A 74 1.97 2.53 -28.29
C TYR A 74 2.87 1.29 -28.19
N GLY A 75 2.34 0.08 -28.35
CA GLY A 75 3.15 -1.12 -28.18
C GLY A 75 3.26 -1.56 -26.72
N THR A 76 4.20 -2.45 -26.47
CA THR A 76 4.29 -3.25 -25.23
C THR A 76 5.13 -2.57 -24.17
N GLY A 77 5.88 -1.52 -24.55
CA GLY A 77 6.82 -0.92 -23.60
C GLY A 77 7.48 0.27 -24.23
N CYS A 78 8.07 1.08 -23.39
CA CYS A 78 8.75 2.34 -23.84
C CYS A 78 10.25 2.12 -23.93
N ALA A 79 10.82 1.05 -23.35
CA ALA A 79 12.21 0.61 -23.54
C ALA A 79 13.19 1.70 -23.13
N GLY A 80 12.85 2.42 -22.10
CA GLY A 80 13.80 3.33 -21.46
C GLY A 80 13.21 4.07 -20.29
N SER A 81 14.08 4.74 -19.59
CA SER A 81 13.68 5.65 -18.50
C SER A 81 12.86 6.82 -19.04
N ARG A 82 11.96 7.34 -18.22
CA ARG A 82 11.25 8.61 -18.54
C ARG A 82 12.23 9.72 -18.90
N PHE A 83 13.34 9.72 -18.19
CA PHE A 83 14.43 10.73 -18.25
C PHE A 83 14.94 10.79 -19.71
N LEU A 84 15.04 9.67 -20.37
CA LEU A 84 15.64 9.63 -21.72
C LEU A 84 14.55 9.42 -22.79
N ASN A 85 14.36 8.18 -23.24
CA ASN A 85 13.48 7.85 -24.38
C ASN A 85 12.15 7.22 -24.01
N GLY A 86 11.85 7.24 -22.69
CA GLY A 86 10.71 6.53 -22.10
C GLY A 86 9.50 7.36 -21.76
N THR A 87 9.44 8.65 -22.11
CA THR A 87 8.27 9.51 -21.81
C THR A 87 7.28 9.48 -22.96
N LEU A 88 6.00 9.25 -22.71
CA LEU A 88 4.90 9.38 -23.68
C LEU A 88 4.04 10.55 -23.26
N ASP A 89 3.34 11.11 -24.22
CA ASP A 89 2.30 12.11 -23.96
C ASP A 89 1.33 11.59 -22.90
N ILE A 90 1.05 10.31 -22.88
CA ILE A 90 0.06 9.79 -21.89
C ILE A 90 0.66 9.74 -20.49
N HIS A 91 1.95 9.56 -20.29
CA HIS A 91 2.54 9.69 -18.95
C HIS A 91 2.31 11.11 -18.44
N VAL A 92 2.58 12.14 -19.27
CA VAL A 92 2.41 13.55 -18.85
C VAL A 92 0.93 13.81 -18.50
N GLU A 93 0.02 13.30 -19.32
CA GLU A 93 -1.43 13.43 -19.09
C GLU A 93 -1.73 12.87 -17.71
N LEU A 94 -1.26 11.66 -17.43
CA LEU A 94 -1.57 11.04 -16.12
C LEU A 94 -1.00 11.87 -14.97
N GLU A 95 0.20 12.42 -15.07
CA GLU A 95 0.75 13.29 -14.01
C GLU A 95 -0.16 14.51 -13.78
N GLU A 96 -0.64 15.11 -14.88
CA GLU A 96 -1.49 16.33 -14.79
C GLU A 96 -2.78 15.91 -14.07
N LYS A 97 -3.37 14.78 -14.44
CA LYS A 97 -4.64 14.34 -13.83
C LYS A 97 -4.43 13.98 -12.37
N LEU A 98 -3.34 13.33 -12.02
CA LEU A 98 -3.09 13.02 -10.59
C LEU A 98 -2.87 14.29 -9.79
N SER A 99 -2.14 15.26 -10.33
CA SER A 99 -1.83 16.51 -9.60
C SER A 99 -3.15 17.20 -9.27
N ALA A 100 -4.05 17.23 -10.24
CA ALA A 100 -5.38 17.85 -10.04
C ALA A 100 -6.15 17.06 -8.97
N TYR A 101 -6.07 15.73 -9.02
CA TYR A 101 -6.89 14.88 -8.12
C TYR A 101 -6.48 15.07 -6.66
N VAL A 102 -5.19 15.12 -6.37
CA VAL A 102 -4.69 15.28 -4.98
C VAL A 102 -4.44 16.75 -4.62
N GLY A 103 -4.68 17.70 -5.52
CA GLY A 103 -4.61 19.14 -5.19
C GLY A 103 -3.20 19.68 -5.09
N LYS A 104 -2.27 19.19 -5.96
CA LYS A 104 -0.87 19.62 -5.95
C LYS A 104 -0.49 20.16 -7.34
N GLU A 105 0.61 20.89 -7.36
CA GLU A 105 1.08 21.57 -8.62
C GLU A 105 1.55 20.56 -9.67
N ALA A 106 2.18 19.45 -9.25
CA ALA A 106 2.95 18.62 -10.20
C ALA A 106 3.07 17.23 -9.62
N ALA A 107 3.38 16.29 -10.50
CA ALA A 107 3.61 14.89 -10.10
C ALA A 107 4.60 14.24 -11.05
N ILE A 108 5.25 13.21 -10.55
CA ILE A 108 6.18 12.35 -11.33
C ILE A 108 5.77 10.90 -11.08
N LEU A 109 5.60 10.19 -12.17
CA LEU A 109 5.35 8.74 -12.15
C LEU A 109 6.64 7.97 -11.90
N PHE A 110 6.46 6.84 -11.24
CA PHE A 110 7.40 5.73 -11.15
C PHE A 110 6.79 4.44 -11.64
N SER A 111 7.63 3.45 -11.99
N SER A 111 7.69 3.48 -11.82
CA SER A 111 7.13 2.20 -12.61
CA SER A 111 7.31 2.24 -12.50
C SER A 111 6.52 1.27 -11.55
C SER A 111 6.62 1.26 -11.54
N THR A 112 6.81 1.51 -10.26
CA THR A 112 6.16 0.79 -9.16
C THR A 112 5.87 1.75 -8.05
N GLY A 113 4.92 1.35 -7.19
CA GLY A 113 4.75 2.07 -5.91
C GLY A 113 6.01 2.07 -5.06
N PHE A 114 6.62 0.91 -4.99
CA PHE A 114 7.83 0.69 -4.18
C PHE A 114 8.87 1.74 -4.56
N GLN A 115 9.08 1.86 -5.88
CA GLN A 115 10.09 2.84 -6.40
C GLN A 115 9.65 4.31 -6.19
N SER A 116 8.34 4.58 -6.03
CA SER A 116 7.78 5.92 -5.72
C SER A 116 8.24 6.35 -4.33
N ASN A 117 8.34 5.43 -3.38
CA ASN A 117 8.93 5.73 -2.06
C ASN A 117 10.43 5.90 -2.13
N LEU A 118 11.11 5.04 -2.87
CA LEU A 118 12.56 5.14 -2.92
C LEU A 118 12.97 6.54 -3.40
N GLY A 119 12.23 7.10 -4.36
CA GLY A 119 12.71 8.34 -5.05
C GLY A 119 12.93 9.49 -4.08
N PRO A 120 11.87 10.04 -3.43
CA PRO A 120 12.03 11.20 -2.57
C PRO A 120 12.81 10.92 -1.28
N LEU A 121 12.67 9.71 -0.72
CA LEU A 121 13.38 9.36 0.52
C LEU A 121 14.87 9.27 0.30
N SER A 122 15.29 8.85 -0.89
CA SER A 122 16.73 8.70 -1.16
C SER A 122 17.44 10.01 -1.47
N CYS A 123 16.77 11.05 -2.00
CA CYS A 123 17.52 12.19 -2.60
C CYS A 123 17.22 13.55 -1.95
N LEU A 124 16.27 13.72 -1.04
CA LEU A 124 15.94 15.09 -0.56
C LEU A 124 16.76 15.43 0.67
N MET A 125 16.78 14.54 1.66
CA MET A 125 17.62 14.68 2.85
C MET A 125 18.98 14.05 2.61
N GLY A 126 20.06 14.72 3.03
CA GLY A 126 21.42 14.23 2.80
C GLY A 126 22.24 14.17 4.09
N ARG A 127 23.55 14.23 3.93
CA ARG A 127 24.50 14.30 5.06
C ARG A 127 24.06 15.42 6.02
N ASN A 128 24.12 15.14 7.31
CA ASN A 128 23.76 16.13 8.36
C ASN A 128 22.26 16.39 8.42
N ASP A 129 21.43 15.73 7.61
CA ASP A 129 19.97 15.87 7.71
C ASP A 129 19.36 14.63 8.38
N TYR A 130 18.05 14.66 8.55
CA TYR A 130 17.34 13.59 9.29
C TYR A 130 16.03 13.20 8.62
N ILE A 131 15.74 11.89 8.63
CA ILE A 131 14.42 11.34 8.27
C ILE A 131 13.75 10.67 9.50
N LEU A 132 12.51 11.07 9.77
CA LEU A 132 11.76 10.56 10.94
C LEU A 132 10.69 9.65 10.38
N LEU A 133 10.67 8.38 10.81
CA LEU A 133 9.75 7.40 10.24
C LEU A 133 8.88 6.82 11.34
N ASP A 134 7.60 6.70 11.07
CA ASP A 134 6.79 5.85 11.99
C ASP A 134 7.35 4.43 11.97
N GLU A 135 7.42 3.76 13.15
CA GLU A 135 8.05 2.42 13.21
C GLU A 135 7.26 1.37 12.42
N ARG A 136 5.99 1.58 12.08
CA ARG A 136 5.18 0.63 11.29
C ARG A 136 5.17 1.02 9.82
N ASP A 137 6.01 1.98 9.42
CA ASP A 137 5.98 2.39 8.00
C ASP A 137 6.33 1.22 7.05
N HIS A 138 5.82 1.26 5.84
CA HIS A 138 6.01 0.20 4.84
C HIS A 138 7.48 0.00 4.50
N ALA A 139 7.81 -1.25 4.20
CA ALA A 139 9.19 -1.65 3.88
C ALA A 139 9.84 -0.70 2.86
N SER A 140 9.06 -0.23 1.91
CA SER A 140 9.65 0.59 0.79
C SER A 140 10.14 1.95 1.35
N ILE A 141 9.45 2.46 2.36
CA ILE A 141 9.80 3.70 3.08
C ILE A 141 11.07 3.51 3.90
N ILE A 142 11.16 2.38 4.65
CA ILE A 142 12.40 2.04 5.39
C ILE A 142 13.55 1.95 4.36
N ASP A 143 13.31 1.24 3.26
CA ASP A 143 14.39 1.04 2.24
C ASP A 143 14.71 2.40 1.61
N GLY A 144 13.71 3.20 1.19
CA GLY A 144 14.02 4.53 0.62
C GLY A 144 14.91 5.36 1.55
N SER A 145 14.55 5.39 2.82
N SER A 145 14.65 5.27 2.86
CA SER A 145 15.23 6.26 3.77
CA SER A 145 15.40 5.97 3.93
C SER A 145 16.68 5.79 3.91
C SER A 145 16.82 5.43 4.06
N ARG A 146 16.87 4.48 3.97
N ARG A 146 17.03 4.14 3.89
CA ARG A 146 18.20 3.82 4.05
CA ARG A 146 18.41 3.63 4.00
C ARG A 146 19.07 4.23 2.84
C ARG A 146 19.17 4.03 2.74
N LEU A 147 18.46 4.40 1.67
CA LEU A 147 19.24 4.84 0.45
C LEU A 147 19.66 6.30 0.57
N SER A 148 19.02 7.07 1.41
CA SER A 148 19.51 8.47 1.69
C SER A 148 20.87 8.47 2.40
N PHE A 149 21.56 9.60 2.39
CA PHE A 149 22.80 9.80 3.16
C PHE A 149 22.51 10.51 4.49
N SER A 150 21.23 10.52 4.87
CA SER A 150 20.75 11.15 6.12
C SER A 150 20.75 10.15 7.30
N LYS A 151 20.48 10.68 8.50
CA LYS A 151 20.28 9.84 9.70
C LYS A 151 18.80 9.50 9.82
N VAL A 152 18.46 8.22 9.82
CA VAL A 152 17.06 7.74 9.86
C VAL A 152 16.72 7.41 11.31
N ILE A 153 15.63 8.01 11.78
CA ILE A 153 15.19 7.86 13.20
C ILE A 153 13.76 7.33 13.17
N LYS A 154 13.47 6.21 13.85
CA LYS A 154 12.08 5.72 13.96
C LYS A 154 11.46 6.28 15.24
N TYR A 155 10.19 6.59 15.17
CA TYR A 155 9.38 7.01 16.34
C TYR A 155 8.27 5.99 16.52
N GLY A 156 7.78 5.95 17.77
CA GLY A 156 6.73 4.98 18.14
C GLY A 156 5.51 5.16 17.31
N HIS A 157 4.84 4.06 17.02
CA HIS A 157 3.66 4.01 16.13
C HIS A 157 2.62 5.03 16.58
N ASN A 158 2.32 6.00 15.69
CA ASN A 158 1.40 7.12 15.98
C ASN A 158 1.69 7.79 17.33
N ASN A 159 2.94 7.80 17.79
CA ASN A 159 3.32 8.37 19.09
C ASN A 159 3.87 9.78 18.84
N MET A 160 3.02 10.79 19.01
N MET A 160 3.01 10.80 18.97
CA MET A 160 3.36 12.20 18.72
CA MET A 160 3.36 12.22 18.76
C MET A 160 4.28 12.79 19.80
C MET A 160 4.37 12.70 19.78
N GLU A 161 4.24 12.28 21.04
CA GLU A 161 5.17 12.72 22.10
C GLU A 161 6.56 12.25 21.69
N ASP A 162 6.68 11.02 21.16
CA ASP A 162 8.00 10.43 20.83
C ASP A 162 8.56 11.15 19.57
N LEU A 163 7.69 11.41 18.60
CA LEU A 163 8.08 12.24 17.39
C LEU A 163 8.59 13.61 17.80
N ARG A 164 7.82 14.31 18.63
CA ARG A 164 8.13 15.65 19.12
C ARG A 164 9.46 15.63 19.86
N ALA A 165 9.66 14.69 20.79
CA ALA A 165 10.91 14.61 21.56
C ALA A 165 12.06 14.36 20.61
N LYS A 166 11.87 13.44 19.64
CA LYS A 166 13.00 13.01 18.79
C LYS A 166 13.44 14.17 17.91
N LEU A 167 12.48 14.98 17.45
CA LEU A 167 12.73 16.20 16.63
C LEU A 167 13.42 17.29 17.48
N SER A 168 13.05 17.40 18.76
CA SER A 168 13.57 18.42 19.70
C SER A 168 15.07 18.24 19.91
N ARG A 169 15.55 17.00 19.90
CA ARG A 169 16.96 16.61 20.11
C ARG A 169 17.84 17.07 18.95
N LEU A 170 17.26 17.44 17.81
CA LEU A 170 18.01 17.54 16.53
C LEU A 170 18.57 18.95 16.36
N PRO A 171 19.76 19.12 15.73
CA PRO A 171 20.32 20.45 15.51
C PRO A 171 19.38 21.31 14.65
N GLU A 172 19.24 22.59 14.97
CA GLU A 172 18.32 23.50 14.24
C GLU A 172 18.78 23.61 12.78
N ASP A 173 20.09 23.73 12.53
CA ASP A 173 20.67 23.93 11.17
C ASP A 173 20.76 22.55 10.53
N SER A 174 19.63 21.87 10.38
CA SER A 174 19.55 20.62 9.60
C SER A 174 18.17 20.56 9.00
N ALA A 175 18.05 19.83 7.89
CA ALA A 175 16.75 19.55 7.26
C ALA A 175 16.22 18.25 7.88
N LYS A 176 14.91 18.19 8.00
CA LYS A 176 14.16 17.06 8.55
C LYS A 176 12.99 16.75 7.66
N LEU A 177 12.74 15.45 7.44
N LEU A 177 12.76 15.47 7.42
CA LEU A 177 11.58 14.96 6.66
CA LEU A 177 11.58 15.00 6.66
C LEU A 177 10.86 13.84 7.41
C LEU A 177 10.90 13.93 7.52
N ILE A 178 9.57 14.03 7.67
CA ILE A 178 8.73 13.03 8.37
C ILE A 178 7.99 12.29 7.29
N CYS A 179 8.17 10.95 7.24
CA CYS A 179 7.38 10.15 6.29
C CYS A 179 6.53 9.13 7.04
N THR A 180 5.26 9.05 6.70
CA THR A 180 4.29 8.13 7.29
C THR A 180 3.40 7.49 6.24
N ASP A 181 2.94 6.26 6.49
CA ASP A 181 1.79 5.68 5.80
C ASP A 181 0.56 6.52 6.17
N GLY A 182 -0.38 6.63 5.26
CA GLY A 182 -1.64 7.31 5.61
C GLY A 182 -2.52 6.33 6.34
N ILE A 183 -2.96 5.30 5.63
CA ILE A 183 -3.53 4.09 6.28
C ILE A 183 -2.41 3.04 6.35
N PHE A 184 -2.20 2.49 7.55
CA PHE A 184 -1.21 1.43 7.82
C PHE A 184 -1.84 0.06 7.48
N SER A 185 -1.16 -0.76 6.69
CA SER A 185 -1.77 -2.00 6.12
C SER A 185 -2.02 -3.08 7.17
N MET A 186 -1.18 -3.15 8.20
N MET A 186 -1.23 -3.16 8.24
CA MET A 186 -1.26 -4.25 9.20
CA MET A 186 -1.35 -4.33 9.17
C MET A 186 -2.61 -4.16 9.91
C MET A 186 -2.61 -4.22 10.02
N GLU A 187 -2.83 -3.07 10.65
CA GLU A 187 -4.01 -2.90 11.52
C GLU A 187 -5.06 -2.05 10.83
N GLY A 188 -4.76 -1.46 9.65
CA GLY A 188 -5.76 -0.66 8.92
C GLY A 188 -6.09 0.66 9.59
N ASP A 189 -5.23 1.17 10.46
CA ASP A 189 -5.39 2.42 11.26
C ASP A 189 -4.86 3.61 10.45
N ILE A 190 -5.33 4.80 10.83
CA ILE A 190 -4.99 6.06 10.11
C ILE A 190 -3.97 6.84 10.93
N VAL A 191 -2.97 7.45 10.27
CA VAL A 191 -2.01 8.35 10.93
C VAL A 191 -2.77 9.52 11.62
N ASN A 192 -2.26 9.96 12.76
CA ASN A 192 -2.69 11.22 13.42
C ASN A 192 -2.13 12.42 12.61
N LEU A 193 -2.64 12.64 11.41
CA LEU A 193 -2.03 13.70 10.54
C LEU A 193 -2.20 15.11 11.13
N PRO A 194 -3.30 15.45 11.86
CA PRO A 194 -3.35 16.80 12.45
C PRO A 194 -2.20 17.08 13.41
N GLU A 195 -1.94 16.15 14.33
N GLU A 195 -1.94 16.15 14.33
CA GLU A 195 -0.87 16.36 15.32
CA GLU A 195 -0.85 16.39 15.31
C GLU A 195 0.51 16.30 14.63
C GLU A 195 0.52 16.33 14.62
N LEU A 196 0.71 15.36 13.70
CA LEU A 196 2.03 15.14 13.05
C LEU A 196 2.40 16.41 12.26
N THR A 197 1.43 16.98 11.57
CA THR A 197 1.63 18.20 10.76
C THR A 197 1.80 19.42 11.69
N SER A 198 1.07 19.45 12.81
N SER A 198 1.09 19.47 12.84
CA SER A 198 1.25 20.49 13.85
CA SER A 198 1.32 20.55 13.84
C SER A 198 2.71 20.49 14.32
C SER A 198 2.77 20.50 14.30
N ILE A 199 3.29 19.31 14.62
CA ILE A 199 4.69 19.15 15.08
C ILE A 199 5.61 19.57 13.93
N ALA A 200 5.31 19.08 12.74
CA ALA A 200 6.17 19.34 11.56
C ALA A 200 6.29 20.86 11.40
N ASN A 201 5.15 21.54 11.48
CA ASN A 201 5.13 23.02 11.30
C ASN A 201 5.96 23.69 12.39
N GLU A 202 5.92 23.21 13.63
CA GLU A 202 6.77 23.75 14.71
C GLU A 202 8.26 23.62 14.42
N PHE A 203 8.71 22.51 13.82
CA PHE A 203 10.16 22.25 13.62
C PHE A 203 10.57 22.46 12.15
N ASP A 204 9.67 23.00 11.34
CA ASP A 204 9.91 23.26 9.88
C ASP A 204 10.42 21.97 9.22
N ALA A 205 9.86 20.82 9.60
CA ALA A 205 10.14 19.53 8.91
C ALA A 205 9.19 19.35 7.71
N ALA A 206 9.72 18.77 6.62
CA ALA A 206 8.85 18.33 5.51
C ALA A 206 8.02 17.12 5.87
N VAL A 207 6.86 17.02 5.27
CA VAL A 207 5.87 15.94 5.56
C VAL A 207 5.64 15.20 4.25
N MET A 208 5.84 13.89 4.29
N MET A 208 5.90 13.90 4.24
CA MET A 208 5.49 12.98 3.17
CA MET A 208 5.40 13.05 3.13
C MET A 208 4.52 11.90 3.65
C MET A 208 4.49 11.95 3.67
N VAL A 209 3.44 11.69 2.92
CA VAL A 209 2.40 10.66 3.25
C VAL A 209 2.35 9.64 2.12
N ASP A 210 2.43 8.35 2.47
CA ASP A 210 2.23 7.22 1.56
C ASP A 210 0.77 6.84 1.57
N ASP A 211 0.06 7.08 0.50
CA ASP A 211 -1.40 6.84 0.43
C ASP A 211 -1.77 5.58 -0.36
N ALA A 212 -0.87 4.58 -0.34
CA ALA A 212 -1.14 3.31 -1.04
C ALA A 212 -2.53 2.71 -0.70
N HIS A 213 -2.86 2.67 0.59
CA HIS A 213 -4.12 2.07 1.07
C HIS A 213 -5.22 3.10 1.29
N SER A 214 -4.93 4.38 1.04
CA SER A 214 -5.89 5.50 1.23
C SER A 214 -6.54 5.92 -0.07
N LEU A 215 -5.81 5.86 -1.19
N LEU A 215 -5.75 6.06 -1.13
CA LEU A 215 -6.35 6.30 -2.51
CA LEU A 215 -6.32 6.52 -2.42
C LEU A 215 -7.49 5.41 -2.95
C LEU A 215 -7.41 5.53 -2.84
N GLY A 216 -8.64 6.03 -3.17
CA GLY A 216 -9.80 5.25 -3.58
C GLY A 216 -10.58 4.74 -2.38
N VAL A 217 -10.13 5.13 -1.20
CA VAL A 217 -10.67 4.59 0.08
C VAL A 217 -11.16 5.73 0.95
N ILE A 218 -10.29 6.64 1.38
CA ILE A 218 -10.69 7.83 2.20
C ILE A 218 -10.39 9.10 1.41
N GLY A 219 -10.88 10.24 1.93
CA GLY A 219 -10.74 11.53 1.23
C GLY A 219 -11.89 11.77 0.26
N HIS A 220 -12.05 13.03 -0.16
CA HIS A 220 -13.13 13.42 -1.10
C HIS A 220 -12.87 12.71 -2.42
N LYS A 221 -13.83 11.93 -2.90
N LYS A 221 -13.85 11.98 -2.93
CA LYS A 221 -13.77 11.18 -4.18
CA LYS A 221 -13.78 11.14 -4.17
C LYS A 221 -12.65 10.12 -4.12
C LYS A 221 -12.53 10.24 -4.13
N GLY A 222 -12.11 9.85 -2.93
CA GLY A 222 -11.01 8.88 -2.74
C GLY A 222 -9.65 9.55 -2.77
N ALA A 223 -9.50 10.87 -2.72
CA ALA A 223 -8.18 11.54 -2.92
C ALA A 223 -7.15 11.32 -1.82
N GLY A 224 -7.51 10.65 -0.71
CA GLY A 224 -6.52 10.16 0.25
C GLY A 224 -6.46 10.87 1.57
N THR A 225 -5.36 10.80 2.27
CA THR A 225 -5.31 11.08 3.73
C THR A 225 -5.32 12.57 4.00
N ALA A 226 -4.47 13.35 3.32
CA ALA A 226 -4.51 14.82 3.45
C ALA A 226 -5.92 15.29 3.20
N SER A 227 -6.60 14.80 2.17
CA SER A 227 -7.96 15.19 1.75
C SER A 227 -8.94 14.85 2.89
N HIS A 228 -8.78 13.66 3.47
CA HIS A 228 -9.61 13.18 4.60
C HIS A 228 -9.58 14.20 5.72
N PHE A 229 -8.45 14.78 6.06
CA PHE A 229 -8.23 15.67 7.23
C PHE A 229 -8.35 17.17 6.83
N GLY A 230 -8.41 17.46 5.54
CA GLY A 230 -8.38 18.85 5.02
C GLY A 230 -7.02 19.50 5.08
N LEU A 231 -5.91 18.75 5.12
CA LEU A 231 -4.55 19.22 5.44
C LEU A 231 -3.62 19.18 4.21
N ASN A 232 -4.19 19.27 3.01
CA ASN A 232 -3.45 19.42 1.74
C ASN A 232 -2.32 20.44 1.95
N ASP A 233 -2.57 21.60 2.59
CA ASP A 233 -1.55 22.68 2.66
C ASP A 233 -0.45 22.36 3.67
N ASP A 234 -0.58 21.30 4.48
CA ASP A 234 0.43 20.96 5.50
C ASP A 234 1.26 19.71 5.10
N VAL A 235 0.98 19.15 3.94
CA VAL A 235 1.68 17.94 3.44
C VAL A 235 2.46 18.34 2.18
N ASP A 236 3.74 18.20 2.24
CA ASP A 236 4.67 18.61 1.13
C ASP A 236 4.54 17.62 -0.04
N LEU A 237 4.48 16.32 0.26
CA LEU A 237 4.57 15.26 -0.78
C LEU A 237 3.50 14.20 -0.52
N ILE A 238 2.70 13.93 -1.53
CA ILE A 238 1.70 12.83 -1.51
C ILE A 238 2.22 11.75 -2.43
N MET A 239 2.52 10.60 -1.85
CA MET A 239 2.95 9.42 -2.63
C MET A 239 1.72 8.56 -2.84
N GLY A 240 1.60 7.89 -3.96
CA GLY A 240 0.56 6.88 -4.20
C GLY A 240 1.06 5.73 -5.04
N THR A 241 0.38 4.58 -4.98
N THR A 241 0.22 4.71 -5.12
CA THR A 241 0.58 3.46 -5.93
CA THR A 241 0.49 3.48 -5.89
C THR A 241 -0.63 3.35 -6.81
C THR A 241 -0.71 3.25 -6.79
N PHE A 242 -0.49 2.69 -7.97
CA PHE A 242 -1.60 2.34 -8.87
C PHE A 242 -2.04 0.88 -8.74
N SER A 243 -1.41 0.10 -7.84
CA SER A 243 -1.55 -1.37 -7.84
C SER A 243 -2.75 -1.78 -6.98
N LYS A 244 -3.43 -0.86 -6.32
N LYS A 244 -3.27 -0.86 -6.14
CA LYS A 244 -4.49 -1.25 -5.36
CA LYS A 244 -4.34 -1.12 -5.12
C LYS A 244 -5.83 -0.75 -5.88
C LYS A 244 -5.71 -0.75 -5.76
N SER A 245 -6.36 0.34 -5.38
CA SER A 245 -7.68 0.78 -5.94
C SER A 245 -7.59 1.01 -7.44
N LEU A 246 -6.45 1.53 -7.90
CA LEU A 246 -6.32 1.91 -9.33
C LEU A 246 -6.01 0.74 -10.25
N ALA A 247 -5.86 -0.48 -9.71
CA ALA A 247 -6.05 -1.73 -10.48
C ALA A 247 -4.95 -1.96 -11.55
N SER A 248 -3.77 -1.37 -11.35
N SER A 248 -3.79 -1.34 -11.34
CA SER A 248 -2.72 -1.34 -12.40
CA SER A 248 -2.70 -1.34 -12.35
C SER A 248 -1.33 -1.67 -11.81
C SER A 248 -1.33 -1.56 -11.67
N LEU A 249 -0.30 -0.90 -12.20
CA LEU A 249 1.07 -1.06 -11.68
C LEU A 249 1.72 0.30 -11.86
N GLY A 250 2.52 0.72 -10.93
CA GLY A 250 3.15 2.04 -11.01
C GLY A 250 2.83 2.88 -9.82
N GLY A 251 3.40 4.07 -9.72
CA GLY A 251 3.05 4.97 -8.63
C GLY A 251 3.41 6.39 -8.95
N PHE A 252 3.29 7.24 -7.94
CA PHE A 252 3.56 8.67 -8.20
C PHE A 252 3.99 9.32 -6.91
N VAL A 253 4.57 10.49 -7.07
CA VAL A 253 4.79 11.51 -6.03
C VAL A 253 4.34 12.85 -6.55
N ALA A 254 3.48 13.51 -5.76
CA ALA A 254 2.89 14.81 -6.13
C ALA A 254 3.28 15.84 -5.08
N GLY A 255 3.48 17.08 -5.54
CA GLY A 255 3.97 18.19 -4.70
C GLY A 255 4.17 19.46 -5.49
N ASP A 256 4.93 20.31 -4.87
CA ASP A 256 5.21 21.65 -5.47
C ASP A 256 6.05 21.40 -6.72
N ALA A 257 5.82 22.19 -7.79
CA ALA A 257 6.53 21.98 -9.08
C ALA A 257 8.04 22.04 -8.89
N ASP A 258 8.60 22.87 -8.02
CA ASP A 258 10.07 22.93 -7.83
C ASP A 258 10.57 21.62 -7.21
N VAL A 259 9.87 21.09 -6.20
CA VAL A 259 10.31 19.83 -5.54
C VAL A 259 10.20 18.68 -6.55
N ILE A 260 9.13 18.64 -7.31
CA ILE A 260 8.87 17.55 -8.28
C ILE A 260 9.95 17.65 -9.36
N ASP A 261 10.30 18.85 -9.80
N ASP A 261 10.30 18.84 -9.83
CA ASP A 261 11.34 19.00 -10.83
CA ASP A 261 11.37 18.96 -10.86
C ASP A 261 12.68 18.49 -10.30
C ASP A 261 12.70 18.48 -10.29
N PHE A 262 13.00 18.77 -9.03
CA PHE A 262 14.22 18.25 -8.38
C PHE A 262 14.19 16.71 -8.37
N LEU A 263 13.05 16.14 -7.97
CA LEU A 263 12.92 14.67 -7.90
C LEU A 263 13.11 14.05 -9.26
N LYS A 264 12.50 14.62 -10.28
CA LYS A 264 12.49 13.87 -11.56
C LYS A 264 13.93 13.90 -12.12
N HIS A 265 14.84 14.77 -11.69
CA HIS A 265 16.24 14.85 -12.20
C HIS A 265 17.25 14.33 -11.17
N ASN A 266 16.82 13.81 -9.99
CA ASN A 266 17.75 13.43 -8.91
C ASN A 266 17.40 12.06 -8.28
N ALA A 267 16.18 11.59 -8.45
CA ALA A 267 15.75 10.30 -7.86
C ALA A 267 16.22 9.18 -8.78
N ARG A 268 17.13 8.34 -8.26
CA ARG A 268 17.71 7.22 -9.05
C ARG A 268 16.63 6.25 -9.54
N SER A 269 15.57 6.07 -8.74
CA SER A 269 14.54 5.10 -9.11
C SER A 269 13.66 5.62 -10.24
N VAL A 270 13.73 6.90 -10.66
CA VAL A 270 13.04 7.33 -11.91
C VAL A 270 14.07 7.58 -13.03
N MET A 271 15.28 8.04 -12.70
N MET A 271 15.28 8.05 -12.68
CA MET A 271 16.31 8.31 -13.75
CA MET A 271 16.34 8.32 -13.68
C MET A 271 16.82 6.99 -14.35
C MET A 271 16.76 7.00 -14.35
N PHE A 272 16.86 5.91 -13.57
CA PHE A 272 17.59 4.67 -13.97
C PHE A 272 16.69 3.44 -13.96
N SER A 273 15.42 3.61 -14.26
CA SER A 273 14.44 2.50 -14.40
C SER A 273 13.51 2.83 -15.56
N ALA A 274 13.16 1.82 -16.33
CA ALA A 274 12.22 1.98 -17.45
C ALA A 274 10.84 2.47 -16.99
N SER A 275 10.19 3.25 -17.84
CA SER A 275 8.91 3.91 -17.51
C SER A 275 7.76 2.91 -17.49
N MET A 276 6.62 3.29 -16.90
CA MET A 276 5.39 2.44 -16.93
C MET A 276 5.03 2.03 -18.35
N THR A 277 4.48 0.84 -18.55
CA THR A 277 4.00 0.40 -19.88
C THR A 277 2.80 1.23 -20.29
N PRO A 278 2.62 1.48 -21.61
CA PRO A 278 1.43 2.20 -22.05
C PRO A 278 0.11 1.63 -21.50
N ALA A 279 0.01 0.31 -21.45
CA ALA A 279 -1.24 -0.35 -21.00
C ALA A 279 -1.50 0.10 -19.55
N SER A 280 -0.47 0.13 -18.69
CA SER A 280 -0.66 0.52 -17.29
C SER A 280 -0.98 2.02 -17.17
N VAL A 281 -0.43 2.90 -18.00
CA VAL A 281 -0.79 4.33 -17.97
C VAL A 281 -2.27 4.48 -18.33
N ALA A 282 -2.68 3.82 -19.39
CA ALA A 282 -4.06 3.94 -19.87
C ALA A 282 -5.00 3.37 -18.81
N SER A 283 -4.68 2.22 -18.26
CA SER A 283 -5.59 1.57 -17.27
C SER A 283 -5.70 2.49 -16.05
N THR A 284 -4.61 3.09 -15.61
CA THR A 284 -4.59 3.99 -14.45
C THR A 284 -5.44 5.22 -14.78
N LEU A 285 -5.22 5.87 -15.93
CA LEU A 285 -6.06 7.02 -16.36
C LEU A 285 -7.54 6.65 -16.31
N LYS A 286 -7.94 5.51 -16.80
CA LYS A 286 -9.40 5.18 -16.89
C LYS A 286 -9.92 4.83 -15.49
N ALA A 287 -9.16 4.12 -14.67
CA ALA A 287 -9.59 3.85 -13.30
C ALA A 287 -9.77 5.18 -12.55
N LEU A 288 -8.88 6.14 -12.73
CA LEU A 288 -8.95 7.40 -11.98
C LEU A 288 -10.21 8.17 -12.38
N GLU A 289 -10.60 8.12 -13.65
CA GLU A 289 -11.84 8.77 -14.14
C GLU A 289 -13.01 8.08 -13.45
N ILE A 290 -13.01 6.76 -13.40
CA ILE A 290 -14.13 5.95 -12.83
C ILE A 290 -14.27 6.21 -11.34
N ILE A 291 -13.18 6.29 -10.59
CA ILE A 291 -13.26 6.46 -9.12
C ILE A 291 -13.97 7.80 -8.85
N GLN A 292 -13.69 8.82 -9.68
CA GLN A 292 -14.19 10.19 -9.42
C GLN A 292 -15.61 10.32 -9.94
N ASN A 293 -15.93 9.73 -11.08
CA ASN A 293 -17.24 9.96 -11.73
C ASN A 293 -18.32 8.99 -11.24
N GLU A 294 -17.97 7.95 -10.47
CA GLU A 294 -18.92 6.87 -10.09
C GLU A 294 -18.76 6.66 -8.60
N PRO A 295 -19.38 7.52 -7.78
CA PRO A 295 -19.23 7.44 -6.32
C PRO A 295 -19.69 6.10 -5.70
N GLU A 296 -20.47 5.32 -6.46
N GLU A 296 -20.42 5.27 -6.45
CA GLU A 296 -21.01 3.99 -6.07
CA GLU A 296 -21.03 4.00 -5.95
C GLU A 296 -19.88 3.15 -5.45
C GLU A 296 -19.98 2.92 -5.70
N HIS A 297 -18.72 3.12 -6.11
CA HIS A 297 -17.65 2.12 -5.86
C HIS A 297 -17.19 2.30 -4.43
N ILE A 298 -16.80 3.51 -4.06
CA ILE A 298 -16.32 3.83 -2.70
C ILE A 298 -17.47 3.54 -1.74
N GLU A 299 -18.67 4.02 -2.06
CA GLU A 299 -19.88 3.78 -1.19
C GLU A 299 -19.99 2.28 -0.90
N LYS A 300 -19.95 1.42 -1.92
CA LYS A 300 -20.18 -0.04 -1.76
C LYS A 300 -19.01 -0.70 -0.99
N LEU A 301 -17.79 -0.21 -1.21
CA LEU A 301 -16.64 -0.66 -0.43
C LEU A 301 -16.91 -0.46 1.08
N TRP A 302 -17.39 0.70 1.45
CA TRP A 302 -17.64 1.01 2.87
C TRP A 302 -18.91 0.30 3.36
N LYS A 303 -19.90 0.06 2.51
CA LYS A 303 -21.08 -0.73 3.00
C LYS A 303 -20.56 -2.13 3.36
N ASN A 304 -19.70 -2.69 2.50
CA ASN A 304 -19.14 -4.06 2.72
C ASN A 304 -18.26 -4.04 3.96
N THR A 305 -17.43 -3.03 4.14
CA THR A 305 -16.52 -2.94 5.27
C THR A 305 -17.35 -2.88 6.56
N ASP A 306 -18.39 -2.05 6.59
CA ASP A 306 -19.17 -1.80 7.83
C ASP A 306 -19.93 -3.10 8.15
N TYR A 307 -20.50 -3.74 7.13
CA TYR A 307 -21.23 -5.02 7.26
C TYR A 307 -20.31 -6.11 7.80
N ALA A 308 -19.15 -6.33 7.15
CA ALA A 308 -18.24 -7.39 7.56
C ALA A 308 -17.67 -7.14 8.95
N LYS A 309 -17.35 -5.91 9.29
CA LYS A 309 -16.77 -5.59 10.60
C LYS A 309 -17.83 -5.93 11.67
N ALA A 310 -19.05 -5.47 11.47
CA ALA A 310 -20.14 -5.71 12.45
C ALA A 310 -20.32 -7.23 12.61
N GLN A 311 -20.35 -7.99 11.51
CA GLN A 311 -20.56 -9.46 11.52
C GLN A 311 -19.43 -10.15 12.25
N LEU A 312 -18.16 -9.78 11.99
CA LEU A 312 -17.01 -10.34 12.72
C LEU A 312 -17.11 -10.02 14.21
N LEU A 313 -17.43 -8.81 14.60
CA LEU A 313 -17.50 -8.47 16.05
C LEU A 313 -18.66 -9.24 16.71
N ASP A 314 -19.75 -9.42 15.99
CA ASP A 314 -20.93 -10.14 16.54
C ASP A 314 -20.60 -11.62 16.73
N HIS A 315 -19.69 -12.17 15.92
CA HIS A 315 -19.31 -13.60 16.03
C HIS A 315 -18.20 -13.77 17.06
N GLY A 316 -17.80 -12.68 17.70
CA GLY A 316 -16.81 -12.71 18.77
C GLY A 316 -15.36 -12.71 18.32
N PHE A 317 -15.06 -12.35 17.07
CA PHE A 317 -13.66 -12.24 16.60
C PHE A 317 -12.99 -11.04 17.29
N ASP A 318 -11.69 -11.15 17.52
CA ASP A 318 -10.90 -10.09 18.18
C ASP A 318 -10.24 -9.29 17.03
N LEU A 319 -10.74 -8.09 16.76
CA LEU A 319 -10.25 -7.27 15.62
C LEU A 319 -9.22 -6.25 16.08
N GLY A 320 -8.26 -5.93 15.21
CA GLY A 320 -7.38 -4.77 15.46
C GLY A 320 -8.08 -3.44 15.23
N ALA A 321 -7.39 -2.36 15.57
CA ALA A 321 -7.95 -0.98 15.61
C ALA A 321 -8.03 -0.42 14.20
N THR A 322 -8.81 -1.07 13.35
CA THR A 322 -8.90 -0.68 11.93
C THR A 322 -9.78 0.55 11.79
N GLU A 323 -9.49 1.38 10.79
CA GLU A 323 -10.38 2.48 10.36
C GLU A 323 -10.55 2.41 8.85
N SER A 324 -10.40 1.23 8.29
CA SER A 324 -10.32 0.97 6.84
C SER A 324 -10.95 -0.35 6.46
N PRO A 325 -10.98 -0.68 5.15
CA PRO A 325 -11.44 -1.97 4.64
C PRO A 325 -10.51 -3.17 4.93
N ILE A 326 -9.44 -2.92 5.64
CA ILE A 326 -8.54 -3.97 6.20
C ILE A 326 -9.11 -4.34 7.57
N LEU A 327 -9.58 -5.58 7.71
CA LEU A 327 -10.09 -6.13 8.99
C LEU A 327 -9.05 -7.11 9.53
N PRO A 328 -8.23 -6.69 10.49
CA PRO A 328 -7.23 -7.59 11.08
C PRO A 328 -7.92 -8.48 12.12
N ILE A 329 -7.80 -9.78 11.97
CA ILE A 329 -8.44 -10.76 12.91
C ILE A 329 -7.31 -11.40 13.69
N PHE A 330 -7.17 -11.09 14.97
CA PHE A 330 -6.08 -11.65 15.80
C PHE A 330 -6.25 -13.17 16.02
N ILE A 331 -5.12 -13.85 15.94
CA ILE A 331 -5.00 -15.30 16.24
C ILE A 331 -4.05 -15.53 17.41
N ARG A 332 -2.92 -14.82 17.44
N ARG A 332 -2.90 -14.84 17.41
CA ARG A 332 -1.96 -14.72 18.57
CA ARG A 332 -1.94 -14.72 18.52
C ARG A 332 -1.17 -16.03 18.74
C ARG A 332 -1.20 -16.05 18.74
N SER A 333 -0.99 -16.81 17.67
CA SER A 333 -0.04 -17.94 17.61
C SER A 333 0.42 -18.08 16.17
N ASN A 334 1.71 -18.16 15.90
CA ASN A 334 2.22 -18.32 14.51
C ASN A 334 1.72 -19.65 13.95
N GLU A 335 1.87 -20.76 14.68
CA GLU A 335 1.39 -22.10 14.23
C GLU A 335 -0.09 -22.01 13.84
N LYS A 336 -0.94 -21.44 14.73
CA LYS A 336 -2.41 -21.38 14.48
C LYS A 336 -2.68 -20.52 13.23
N THR A 337 -1.92 -19.45 13.07
CA THR A 337 -2.07 -18.51 11.93
C THR A 337 -1.81 -19.27 10.61
N PHE A 338 -0.71 -20.03 10.53
CA PHE A 338 -0.43 -20.84 9.33
C PHE A 338 -1.54 -21.87 9.13
N TRP A 339 -1.96 -22.52 10.21
CA TRP A 339 -2.95 -23.61 10.07
C TRP A 339 -4.29 -23.02 9.59
N VAL A 340 -4.74 -21.93 10.21
CA VAL A 340 -6.04 -21.28 9.87
C VAL A 340 -6.02 -20.84 8.38
N THR A 341 -4.89 -20.25 7.97
CA THR A 341 -4.69 -19.78 6.58
C THR A 341 -4.87 -20.91 5.59
N LYS A 342 -4.18 -22.03 5.82
CA LYS A 342 -4.24 -23.16 4.89
C LYS A 342 -5.62 -23.84 4.90
N MET A 343 -6.20 -24.04 6.10
CA MET A 343 -7.53 -24.67 6.23
C MET A 343 -8.60 -23.83 5.51
N LEU A 344 -8.49 -22.51 5.60
CA LEU A 344 -9.40 -21.59 4.89
C LEU A 344 -9.19 -21.75 3.38
N GLN A 345 -7.93 -21.77 2.93
CA GLN A 345 -7.63 -22.02 1.51
C GLN A 345 -8.31 -23.30 1.02
N ASP A 346 -8.15 -24.39 1.79
CA ASP A 346 -8.64 -25.73 1.40
C ASP A 346 -10.19 -25.72 1.44
N ASP A 347 -10.78 -24.84 2.24
CA ASP A 347 -12.25 -24.67 2.25
C ASP A 347 -12.72 -23.55 1.32
N GLY A 348 -11.89 -22.96 0.45
CA GLY A 348 -12.39 -21.99 -0.53
C GLY A 348 -12.38 -20.54 -0.07
N VAL A 349 -11.55 -20.17 0.90
CA VAL A 349 -11.44 -18.78 1.39
C VAL A 349 -9.95 -18.37 1.40
N PHE A 350 -9.64 -17.27 0.72
CA PHE A 350 -8.28 -16.68 0.65
C PHE A 350 -8.15 -15.50 1.61
N VAL A 351 -7.32 -15.62 2.61
CA VAL A 351 -6.90 -14.52 3.52
C VAL A 351 -5.37 -14.45 3.60
N ASN A 352 -4.83 -13.35 4.07
CA ASN A 352 -3.38 -13.16 4.17
C ASN A 352 -2.92 -13.25 5.62
N PRO A 353 -1.95 -14.11 5.94
CA PRO A 353 -1.43 -14.17 7.32
C PRO A 353 -0.36 -13.12 7.59
N VAL A 354 -0.29 -12.69 8.83
CA VAL A 354 0.81 -11.84 9.39
C VAL A 354 1.38 -12.62 10.58
N VAL A 355 2.67 -12.90 10.55
CA VAL A 355 3.32 -13.83 11.52
C VAL A 355 4.69 -13.28 11.88
N SER A 356 5.36 -13.90 12.88
CA SER A 356 6.79 -13.62 13.17
C SER A 356 7.67 -14.02 11.99
N PRO A 357 8.76 -13.28 11.69
CA PRO A 357 9.23 -12.15 12.50
C PRO A 357 8.67 -10.75 12.18
N ALA A 358 7.75 -10.65 11.20
CA ALA A 358 7.04 -9.38 10.91
C ALA A 358 6.41 -8.81 12.19
N VAL A 359 5.80 -9.66 13.03
CA VAL A 359 5.15 -9.23 14.30
C VAL A 359 5.55 -10.23 15.38
N PRO A 360 5.42 -9.84 16.68
CA PRO A 360 5.48 -10.81 17.76
C PRO A 360 4.41 -11.90 17.61
N ALA A 361 4.74 -13.13 18.01
CA ALA A 361 3.84 -14.30 17.95
C ALA A 361 2.46 -13.96 18.51
N GLU A 362 2.40 -13.21 19.62
CA GLU A 362 1.13 -12.93 20.35
C GLU A 362 0.31 -11.85 19.62
N GLU A 363 0.83 -11.33 18.51
CA GLU A 363 0.14 -10.31 17.66
C GLU A 363 -0.09 -10.87 16.24
N SER A 364 0.17 -12.15 16.02
CA SER A 364 -0.11 -12.81 14.72
C SER A 364 -1.61 -12.78 14.39
N LEU A 365 -1.94 -12.61 13.11
CA LEU A 365 -3.33 -12.36 12.69
C LEU A 365 -3.50 -12.75 11.23
N ILE A 366 -4.74 -12.84 10.79
CA ILE A 366 -5.13 -12.89 9.38
C ILE A 366 -5.76 -11.54 9.00
N ARG A 367 -5.44 -11.06 7.80
CA ARG A 367 -6.03 -9.83 7.27
C ARG A 367 -7.09 -10.21 6.27
N PHE A 368 -8.30 -9.71 6.52
CA PHE A 368 -9.49 -9.95 5.70
C PHE A 368 -9.84 -8.60 5.12
N SER A 369 -9.65 -8.43 3.81
CA SER A 369 -9.80 -7.14 3.12
C SER A 369 -11.03 -7.16 2.22
N LEU A 370 -11.80 -6.07 2.29
CA LEU A 370 -13.01 -5.95 1.47
C LEU A 370 -12.70 -5.29 0.11
N MET A 371 -13.56 -5.62 -0.86
N MET A 371 -13.51 -5.62 -0.87
CA MET A 371 -13.65 -5.12 -2.26
CA MET A 371 -13.59 -4.91 -2.16
C MET A 371 -15.08 -4.58 -2.50
C MET A 371 -15.03 -4.41 -2.29
N ALA A 372 -15.23 -3.42 -3.15
CA ALA A 372 -16.57 -2.88 -3.51
C ALA A 372 -17.43 -3.97 -4.14
N THR A 373 -16.86 -4.92 -4.89
CA THR A 373 -17.58 -5.91 -5.71
C THR A 373 -18.02 -7.11 -4.84
N HIS A 374 -17.54 -7.27 -3.61
CA HIS A 374 -18.03 -8.38 -2.74
C HIS A 374 -19.53 -8.21 -2.55
N THR A 375 -20.21 -9.32 -2.34
CA THR A 375 -21.63 -9.32 -1.89
C THR A 375 -21.69 -9.64 -0.41
N TYR A 376 -22.79 -9.27 0.26
CA TYR A 376 -23.08 -9.76 1.61
C TYR A 376 -23.13 -11.30 1.63
N ASP A 377 -23.65 -11.98 0.61
CA ASP A 377 -23.66 -13.47 0.55
C ASP A 377 -22.23 -14.01 0.65
N GLN A 378 -21.31 -13.43 -0.13
CA GLN A 378 -19.90 -13.90 -0.08
C GLN A 378 -19.31 -13.66 1.29
N ILE A 379 -19.55 -12.50 1.89
CA ILE A 379 -19.03 -12.14 3.23
C ILE A 379 -19.55 -13.20 4.21
N ASP A 380 -20.87 -13.41 4.18
CA ASP A 380 -21.52 -14.40 5.07
C ASP A 380 -20.84 -15.76 4.92
N GLU A 381 -20.59 -16.23 3.69
CA GLU A 381 -20.00 -17.57 3.45
C GLU A 381 -18.58 -17.60 4.04
N ALA A 382 -17.78 -16.56 3.82
CA ALA A 382 -16.40 -16.52 4.37
C ALA A 382 -16.39 -16.57 5.90
N ILE A 383 -17.20 -15.73 6.55
CA ILE A 383 -17.29 -15.67 8.04
C ILE A 383 -17.80 -17.02 8.56
N GLU A 384 -18.74 -17.68 7.88
CA GLU A 384 -19.29 -19.02 8.29
C GLU A 384 -18.10 -19.98 8.36
N LYS A 385 -17.28 -19.94 7.32
CA LYS A 385 -16.13 -20.87 7.16
C LYS A 385 -15.06 -20.51 8.17
N MET A 386 -14.87 -19.22 8.46
CA MET A 386 -13.88 -18.75 9.43
C MET A 386 -14.28 -19.20 10.83
N VAL A 387 -15.57 -19.10 11.20
CA VAL A 387 -16.01 -19.59 12.54
C VAL A 387 -15.63 -21.09 12.70
N LYS A 388 -15.95 -21.86 11.67
CA LYS A 388 -15.71 -23.33 11.62
C LYS A 388 -14.19 -23.57 11.73
N VAL A 389 -13.37 -22.88 10.93
CA VAL A 389 -11.91 -23.15 11.02
C VAL A 389 -11.33 -22.70 12.35
N PHE A 390 -11.77 -21.59 12.94
CA PHE A 390 -11.25 -21.12 14.25
C PHE A 390 -11.65 -22.19 15.30
N LYS A 391 -12.81 -22.81 15.16
CA LYS A 391 -13.21 -23.89 16.10
C LYS A 391 -12.26 -25.08 15.92
N GLN A 392 -12.11 -25.56 14.68
CA GLN A 392 -11.24 -26.74 14.37
C GLN A 392 -9.86 -26.45 14.96
N ALA A 393 -9.35 -25.23 14.83
CA ALA A 393 -7.97 -24.84 15.20
C ALA A 393 -7.88 -24.61 16.71
N GLU A 394 -9.03 -24.45 17.38
CA GLU A 394 -9.14 -24.12 18.83
C GLU A 394 -8.43 -22.79 19.11
N VAL A 395 -8.91 -21.68 18.53
CA VAL A 395 -8.41 -20.29 18.82
C VAL A 395 -9.21 -19.71 19.98
#